data_3Q4N
#
_entry.id   3Q4N
#
_cell.length_a   127.015
_cell.length_b   127.015
_cell.length_c   48.929
_cell.angle_alpha   90.000
_cell.angle_beta   90.000
_cell.angle_gamma   120.000
#
_symmetry.space_group_name_H-M   'P 61'
#
_entity_poly.entity_id   1
_entity_poly.type   'polypeptide(L)'
_entity_poly.pdbx_seq_one_letter_code
;MLEYISSLPKQPISEEEKEGLIEMREEEKLARDVYLTLYNKWKLQIFKNIAESEQTHMDAVKYLLEKYNIPDPVKNDSIG
VFSNPKFEELYKKLVEKGDKSEVDALKVGATIEDLDIADLEKWINKTDNEDIKFVYENLMKGSRNHMRAFVRMLNNYGSN
YTPQYISKEEYEEIISSSTERGMNRLEHHHHHH
;
_entity_poly.pdbx_strand_id   A,B
#
# COMPACT_ATOMS: atom_id res chain seq x y z
N PRO A 12 18.06 3.25 -21.36
CA PRO A 12 16.79 3.95 -21.10
C PRO A 12 16.36 3.90 -19.63
N ILE A 13 17.35 3.81 -18.71
CA ILE A 13 17.15 3.24 -17.35
C ILE A 13 17.36 4.15 -16.09
N SER A 14 16.24 4.51 -15.44
CA SER A 14 16.19 5.47 -14.32
C SER A 14 16.92 5.05 -13.05
N GLU A 15 16.72 5.86 -12.00
CA GLU A 15 17.14 5.55 -10.65
C GLU A 15 15.91 5.13 -9.85
N GLU A 16 14.80 5.78 -10.19
CA GLU A 16 13.46 5.33 -9.83
C GLU A 16 13.26 3.87 -10.29
N GLU A 17 13.35 3.68 -11.61
CA GLU A 17 13.19 2.37 -12.26
C GLU A 17 14.05 1.28 -11.60
N LYS A 18 15.27 1.65 -11.22
CA LYS A 18 16.21 0.69 -10.62
C LYS A 18 15.66 0.16 -9.30
N GLU A 19 15.36 1.10 -8.40
CA GLU A 19 14.92 0.81 -7.03
C GLU A 19 13.77 -0.20 -6.96
N GLY A 20 12.83 -0.07 -7.89
CA GLY A 20 11.67 -0.96 -7.94
C GLY A 20 12.08 -2.36 -8.33
N LEU A 21 12.90 -2.46 -9.36
CA LEU A 21 13.44 -3.73 -9.79
C LEU A 21 14.12 -4.46 -8.62
N ILE A 22 14.82 -3.69 -7.80
CA ILE A 22 15.30 -4.19 -6.51
C ILE A 22 14.15 -4.74 -5.66
N GLU A 23 13.16 -3.91 -5.33
CA GLU A 23 12.05 -4.36 -4.51
C GLU A 23 11.34 -5.55 -5.14
N MET A 24 11.11 -5.49 -6.45
CA MET A 24 10.31 -6.51 -7.08
C MET A 24 11.05 -7.84 -7.20
N ARG A 25 12.37 -7.75 -7.05
CA ARG A 25 13.22 -8.89 -6.95
C ARG A 25 12.97 -9.56 -5.60
N GLU A 26 13.07 -8.76 -4.53
CA GLU A 26 13.01 -9.27 -3.17
C GLU A 26 11.58 -9.59 -2.81
N GLU A 27 10.66 -8.85 -3.42
CA GLU A 27 9.26 -9.13 -3.19
C GLU A 27 8.93 -10.55 -3.61
N GLU A 28 9.12 -10.87 -4.88
CA GLU A 28 8.84 -12.23 -5.33
C GLU A 28 9.66 -13.25 -4.55
N LYS A 29 10.76 -12.80 -3.90
CA LYS A 29 11.51 -13.70 -3.03
C LYS A 29 10.71 -13.93 -1.77
N LEU A 30 10.20 -12.83 -1.21
CA LEU A 30 9.35 -12.91 -0.04
C LEU A 30 8.22 -13.92 -0.24
N ALA A 31 7.58 -13.88 -1.43
CA ALA A 31 6.50 -14.81 -1.74
C ALA A 31 6.97 -16.27 -1.72
N ARG A 32 7.95 -16.58 -2.56
CA ARG A 32 8.58 -17.89 -2.57
C ARG A 32 8.98 -18.39 -1.18
N ASP A 33 9.74 -17.60 -0.42
CA ASP A 33 10.14 -18.06 0.90
C ASP A 33 8.94 -18.53 1.71
N VAL A 34 7.93 -17.66 1.79
CA VAL A 34 6.82 -17.88 2.71
C VAL A 34 6.07 -19.14 2.36
N TYR A 35 5.87 -19.32 1.07
CA TYR A 35 5.09 -20.42 0.60
C TYR A 35 5.80 -21.67 1.01
N LEU A 36 7.11 -21.66 0.78
CA LEU A 36 7.98 -22.77 1.16
C LEU A 36 7.89 -23.12 2.64
N THR A 37 7.92 -22.13 3.52
CA THR A 37 7.77 -22.40 4.94
C THR A 37 6.43 -23.02 5.22
N LEU A 38 5.38 -22.41 4.64
CA LEU A 38 4.00 -22.74 5.00
C LEU A 38 3.60 -24.12 4.54
N TYR A 39 4.07 -24.46 3.35
CA TYR A 39 3.97 -25.81 2.84
C TYR A 39 4.60 -26.80 3.81
N ASN A 40 5.75 -26.43 4.37
CA ASN A 40 6.43 -27.29 5.29
C ASN A 40 5.66 -27.47 6.59
N LYS A 41 4.99 -26.43 7.06
CA LYS A 41 4.20 -26.56 8.26
C LYS A 41 2.85 -27.29 8.04
N TRP A 42 2.15 -26.98 6.96
CA TRP A 42 0.80 -27.55 6.69
C TRP A 42 0.76 -28.59 5.60
N LYS A 43 1.80 -28.62 4.78
CA LYS A 43 1.97 -29.59 3.68
C LYS A 43 0.78 -29.65 2.72
N LEU A 44 0.47 -28.48 2.16
CA LEU A 44 -0.63 -28.32 1.23
C LEU A 44 -0.07 -28.02 -0.15
N GLN A 45 -0.35 -28.92 -1.10
CA GLN A 45 0.40 -29.00 -2.35
C GLN A 45 0.38 -27.69 -3.08
N ILE A 46 -0.61 -26.87 -2.74
CA ILE A 46 -0.78 -25.54 -3.32
C ILE A 46 0.40 -24.57 -3.03
N PHE A 47 0.99 -24.65 -1.84
CA PHE A 47 2.15 -23.83 -1.51
C PHE A 47 3.37 -24.21 -2.35
N LYS A 48 3.51 -25.52 -2.58
CA LYS A 48 4.57 -26.04 -3.43
C LYS A 48 4.40 -25.49 -4.86
N ASN A 49 3.23 -25.67 -5.45
CA ASN A 49 2.94 -25.18 -6.80
C ASN A 49 3.35 -23.73 -7.00
N ILE A 50 2.81 -22.88 -6.15
CA ILE A 50 2.95 -21.46 -6.31
C ILE A 50 4.43 -21.07 -6.10
N ALA A 51 5.12 -21.76 -5.19
CA ALA A 51 6.58 -21.58 -5.03
C ALA A 51 7.44 -22.00 -6.24
N GLU A 52 7.25 -23.20 -6.81
CA GLU A 52 7.99 -23.59 -8.04
C GLU A 52 7.75 -22.53 -9.15
N SER A 53 6.64 -21.78 -9.00
CA SER A 53 6.27 -20.64 -9.87
C SER A 53 6.91 -19.29 -9.48
N GLU A 54 6.91 -18.98 -8.18
CA GLU A 54 7.50 -17.74 -7.66
C GLU A 54 9.03 -17.83 -7.73
N GLN A 55 9.52 -19.01 -8.08
CA GLN A 55 10.93 -19.17 -8.33
C GLN A 55 11.22 -18.51 -9.66
N THR A 56 10.42 -18.81 -10.67
CA THR A 56 10.56 -18.13 -11.97
C THR A 56 10.31 -16.64 -11.91
N HIS A 57 9.40 -16.23 -11.03
CA HIS A 57 9.16 -14.80 -10.86
C HIS A 57 10.44 -14.12 -10.41
N MET A 58 11.16 -14.74 -9.47
CA MET A 58 12.46 -14.23 -9.02
C MET A 58 13.38 -14.03 -10.22
N ASP A 59 13.41 -15.06 -11.07
CA ASP A 59 14.42 -15.20 -12.11
C ASP A 59 14.22 -14.25 -13.28
N ALA A 60 13.00 -13.77 -13.45
CA ALA A 60 12.71 -12.77 -14.48
C ALA A 60 13.40 -11.44 -14.16
N VAL A 61 13.36 -11.07 -12.89
CA VAL A 61 14.00 -9.85 -12.43
C VAL A 61 15.51 -10.04 -12.49
N LYS A 62 16.00 -11.15 -11.92
CA LYS A 62 17.44 -11.48 -12.02
C LYS A 62 17.87 -11.28 -13.48
N TYR A 63 17.02 -11.71 -14.42
CA TYR A 63 17.25 -11.47 -15.85
C TYR A 63 17.40 -9.98 -16.20
N LEU A 64 16.56 -9.11 -15.60
CA LEU A 64 16.61 -7.67 -15.90
C LEU A 64 17.64 -6.86 -15.09
N LEU A 65 18.17 -7.49 -14.03
CA LEU A 65 19.31 -6.94 -13.27
C LEU A 65 20.63 -7.24 -13.97
N GLU A 66 20.85 -8.53 -14.26
CA GLU A 66 21.94 -9.00 -15.11
C GLU A 66 22.05 -8.09 -16.31
N LYS A 67 20.94 -7.99 -17.05
CA LYS A 67 20.89 -7.25 -18.31
C LYS A 67 21.04 -5.73 -18.15
N TYR A 68 20.72 -5.21 -16.95
CA TYR A 68 20.82 -3.75 -16.70
C TYR A 68 21.94 -3.34 -15.76
N ASN A 69 22.75 -4.32 -15.35
CA ASN A 69 23.95 -4.06 -14.56
C ASN A 69 23.60 -3.47 -13.20
N ILE A 70 22.55 -4.02 -12.62
CA ILE A 70 22.07 -3.59 -11.32
C ILE A 70 22.43 -4.65 -10.26
N PRO A 71 23.20 -4.25 -9.23
CA PRO A 71 23.53 -5.21 -8.18
C PRO A 71 22.29 -6.01 -7.75
N ASP A 72 22.45 -7.34 -7.74
CA ASP A 72 21.50 -8.25 -7.16
C ASP A 72 21.37 -7.91 -5.67
N PRO A 73 20.19 -8.17 -5.05
CA PRO A 73 20.08 -8.00 -3.59
C PRO A 73 19.89 -9.31 -2.82
N VAL A 74 19.60 -10.39 -3.54
CA VAL A 74 19.59 -11.70 -2.91
C VAL A 74 21.03 -12.18 -2.97
N LYS A 75 21.80 -11.78 -1.96
CA LYS A 75 23.18 -12.24 -1.82
C LYS A 75 23.23 -13.43 -0.86
N ASN A 76 22.06 -14.02 -0.64
CA ASN A 76 21.88 -15.20 0.17
C ASN A 76 20.52 -15.68 -0.29
N ASP A 77 20.50 -16.74 -1.10
CA ASP A 77 19.26 -17.27 -1.65
C ASP A 77 18.42 -18.00 -0.59
N SER A 78 19.03 -18.29 0.56
CA SER A 78 18.36 -18.97 1.68
C SER A 78 17.04 -18.34 2.06
N ILE A 79 16.14 -19.20 2.53
CA ILE A 79 14.84 -18.78 3.07
C ILE A 79 14.99 -17.66 4.10
N GLY A 80 14.13 -16.66 3.99
CA GLY A 80 13.92 -15.67 5.03
C GLY A 80 15.05 -14.68 5.22
N VAL A 81 15.91 -14.55 4.23
CA VAL A 81 17.08 -13.67 4.33
C VAL A 81 16.89 -12.56 3.33
N PHE A 82 17.07 -11.33 3.81
CA PHE A 82 16.76 -10.18 2.96
C PHE A 82 17.71 -9.00 3.12
N SER A 83 17.97 -8.33 2.00
CA SER A 83 18.60 -7.03 1.99
C SER A 83 17.68 -6.06 2.72
N ASN A 84 16.51 -5.80 2.13
CA ASN A 84 15.52 -4.91 2.67
C ASN A 84 14.91 -5.46 3.95
N PRO A 85 15.12 -4.77 5.09
CA PRO A 85 14.50 -5.23 6.34
C PRO A 85 12.98 -4.97 6.34
N LYS A 86 12.45 -4.56 5.18
CA LYS A 86 11.01 -4.44 4.97
C LYS A 86 10.46 -5.84 4.82
N PHE A 87 11.17 -6.63 4.03
CA PHE A 87 10.83 -8.02 3.81
C PHE A 87 11.42 -8.88 4.92
N GLU A 88 12.62 -8.55 5.37
CA GLU A 88 13.15 -9.19 6.55
C GLU A 88 12.05 -9.19 7.60
N GLU A 89 11.36 -8.06 7.76
CA GLU A 89 10.31 -7.99 8.78
C GLU A 89 9.02 -8.66 8.39
N LEU A 90 8.64 -8.55 7.12
CA LEU A 90 7.36 -9.13 6.68
C LEU A 90 7.29 -10.64 6.88
N TYR A 91 8.30 -11.35 6.41
CA TYR A 91 8.42 -12.80 6.61
C TYR A 91 8.14 -13.23 8.07
N LYS A 92 8.84 -12.62 9.03
CA LYS A 92 8.67 -12.94 10.45
C LYS A 92 7.19 -12.92 10.79
N LYS A 93 6.51 -11.82 10.42
CA LYS A 93 5.07 -11.62 10.65
C LYS A 93 4.18 -12.64 9.93
N LEU A 94 4.26 -12.67 8.61
CA LEU A 94 3.44 -13.57 7.80
C LEU A 94 3.45 -15.05 8.22
N VAL A 95 4.65 -15.61 8.38
CA VAL A 95 4.78 -17.03 8.70
C VAL A 95 4.25 -17.27 10.09
N GLU A 96 4.56 -16.36 11.01
CA GLU A 96 4.11 -16.48 12.38
C GLU A 96 2.60 -16.58 12.32
N LYS A 97 1.97 -15.63 11.63
CA LYS A 97 0.51 -15.60 11.49
C LYS A 97 -0.02 -16.77 10.66
N GLY A 98 0.65 -17.05 9.54
CA GLY A 98 0.30 -18.22 8.75
C GLY A 98 0.41 -19.48 9.55
N ASP A 99 1.30 -19.50 10.54
CA ASP A 99 1.53 -20.69 11.32
C ASP A 99 0.38 -21.11 12.25
N LYS A 100 -0.46 -20.18 12.69
CA LYS A 100 -1.54 -20.53 13.63
C LYS A 100 -2.61 -21.50 13.09
N SER A 101 -2.93 -21.41 11.79
CA SER A 101 -3.85 -22.38 11.16
C SER A 101 -3.70 -22.47 9.64
N GLU A 102 -4.36 -23.47 9.06
CA GLU A 102 -4.38 -23.65 7.61
C GLU A 102 -5.04 -22.46 6.93
N VAL A 103 -6.15 -22.00 7.53
CA VAL A 103 -6.88 -20.90 6.97
C VAL A 103 -5.97 -19.66 6.99
N ASP A 104 -5.35 -19.40 8.15
CA ASP A 104 -4.40 -18.31 8.30
C ASP A 104 -3.32 -18.39 7.22
N ALA A 105 -2.75 -19.58 7.03
CA ALA A 105 -1.80 -19.80 5.92
C ALA A 105 -2.41 -19.41 4.58
N LEU A 106 -3.55 -20.01 4.26
CA LEU A 106 -4.25 -19.65 3.05
C LEU A 106 -4.62 -18.18 2.99
N LYS A 107 -4.90 -17.57 4.14
CA LYS A 107 -5.17 -16.14 4.16
C LYS A 107 -3.89 -15.44 3.76
N VAL A 108 -2.83 -15.67 4.53
CA VAL A 108 -1.50 -15.21 4.18
C VAL A 108 -1.24 -15.31 2.66
N GLY A 109 -1.49 -16.47 2.06
CA GLY A 109 -1.22 -16.64 0.63
C GLY A 109 -1.94 -15.62 -0.24
N ALA A 110 -3.21 -15.45 0.03
CA ALA A 110 -4.00 -14.44 -0.63
C ALA A 110 -3.44 -13.04 -0.29
N THR A 111 -3.05 -12.82 0.96
CA THR A 111 -2.54 -11.53 1.40
C THR A 111 -1.30 -11.17 0.58
N ILE A 112 -0.47 -12.17 0.33
CA ILE A 112 0.73 -11.93 -0.42
C ILE A 112 0.42 -11.55 -1.85
N GLU A 113 -0.27 -12.43 -2.57
CA GLU A 113 -0.61 -12.15 -3.97
C GLU A 113 -1.36 -10.83 -4.05
N ASP A 114 -2.11 -10.55 -2.99
CA ASP A 114 -2.87 -9.33 -2.86
C ASP A 114 -1.91 -8.14 -2.87
N LEU A 115 -1.07 -8.03 -1.86
CA LEU A 115 -0.11 -6.94 -1.74
C LEU A 115 0.72 -6.84 -3.00
N ASP A 116 1.21 -7.99 -3.42
CA ASP A 116 2.02 -8.12 -4.60
C ASP A 116 1.49 -7.43 -5.89
N ILE A 117 0.23 -7.67 -6.25
CA ILE A 117 -0.40 -7.07 -7.43
C ILE A 117 -0.47 -5.55 -7.32
N ALA A 118 -0.99 -5.07 -6.20
CA ALA A 118 -1.09 -3.64 -5.95
C ALA A 118 0.29 -3.01 -5.86
N ASP A 119 1.29 -3.83 -5.55
CA ASP A 119 2.70 -3.41 -5.57
C ASP A 119 3.30 -3.40 -6.97
N LEU A 120 2.89 -4.33 -7.84
CA LEU A 120 3.37 -4.36 -9.21
C LEU A 120 2.77 -3.26 -10.02
N GLU A 121 1.48 -3.02 -9.82
CA GLU A 121 0.75 -1.95 -10.47
C GLU A 121 1.41 -0.62 -10.11
N LYS A 122 1.86 -0.52 -8.86
CA LYS A 122 2.54 0.67 -8.38
C LYS A 122 3.78 0.99 -9.21
N TRP A 123 4.62 -0.01 -9.48
CA TRP A 123 5.84 0.19 -10.23
C TRP A 123 5.63 0.18 -11.76
N ILE A 124 4.65 -0.58 -12.25
CA ILE A 124 4.35 -0.62 -13.69
C ILE A 124 4.16 0.78 -14.25
N ASN A 125 3.86 1.73 -13.37
CA ASN A 125 3.61 3.11 -13.79
C ASN A 125 4.86 3.97 -13.74
N LYS A 126 5.68 3.76 -12.71
CA LYS A 126 6.93 4.50 -12.50
C LYS A 126 8.03 4.24 -13.54
N THR A 127 7.70 3.42 -14.55
CA THR A 127 8.59 3.11 -15.68
C THR A 127 7.94 3.36 -17.04
N ASP A 128 8.79 3.52 -18.05
CA ASP A 128 8.34 3.48 -19.45
C ASP A 128 9.21 2.53 -20.26
N ASN A 129 10.37 2.20 -19.68
CA ASN A 129 11.28 1.18 -20.18
C ASN A 129 10.53 -0.14 -20.40
N GLU A 130 10.43 -0.55 -21.66
CA GLU A 130 9.41 -1.51 -22.09
C GLU A 130 9.65 -2.99 -21.73
N ASP A 131 10.89 -3.36 -21.40
CA ASP A 131 11.18 -4.71 -20.91
C ASP A 131 10.44 -4.90 -19.60
N ILE A 132 10.77 -4.03 -18.63
CA ILE A 132 10.13 -4.03 -17.30
C ILE A 132 8.61 -3.98 -17.38
N LYS A 133 8.07 -2.97 -18.09
CA LYS A 133 6.62 -2.89 -18.29
C LYS A 133 6.09 -4.27 -18.63
N PHE A 134 6.68 -4.94 -19.60
CA PHE A 134 6.24 -6.27 -19.95
C PHE A 134 6.46 -7.29 -18.83
N VAL A 135 7.70 -7.44 -18.39
CA VAL A 135 8.02 -8.40 -17.34
C VAL A 135 7.10 -8.17 -16.16
N TYR A 136 6.96 -6.90 -15.74
CA TYR A 136 6.02 -6.58 -14.68
C TYR A 136 4.59 -7.02 -15.06
N GLU A 137 4.14 -6.69 -16.27
CA GLU A 137 2.76 -7.03 -16.71
C GLU A 137 2.57 -8.51 -16.51
N ASN A 138 3.68 -9.23 -16.64
CA ASN A 138 3.66 -10.68 -16.63
C ASN A 138 3.48 -11.31 -15.26
N LEU A 139 4.47 -11.18 -14.38
CA LEU A 139 4.34 -11.64 -12.99
C LEU A 139 2.95 -11.36 -12.42
N MET A 140 2.44 -10.17 -12.73
CA MET A 140 1.10 -9.72 -12.32
C MET A 140 0.04 -10.67 -12.85
N LYS A 141 0.07 -11.02 -14.14
CA LYS A 141 -0.82 -12.11 -14.58
C LYS A 141 -0.58 -13.29 -13.60
N GLY A 142 0.68 -13.64 -13.37
CA GLY A 142 1.05 -14.75 -12.47
C GLY A 142 0.43 -14.72 -11.07
N SER A 143 0.36 -13.52 -10.48
CA SER A 143 -0.22 -13.31 -9.16
C SER A 143 -1.75 -13.42 -9.07
N ARG A 144 -2.43 -13.11 -10.16
CA ARG A 144 -3.89 -13.15 -10.22
C ARG A 144 -4.29 -14.60 -10.08
N ASN A 145 -3.53 -15.46 -10.74
CA ASN A 145 -3.86 -16.87 -10.78
C ASN A 145 -3.58 -17.51 -9.44
N HIS A 146 -2.59 -16.96 -8.75
CA HIS A 146 -2.27 -17.41 -7.43
C HIS A 146 -3.28 -16.91 -6.42
N MET A 147 -3.97 -15.82 -6.71
CA MET A 147 -5.07 -15.47 -5.85
C MET A 147 -6.30 -16.30 -6.16
N ARG A 148 -6.76 -16.30 -7.42
CA ARG A 148 -7.85 -17.21 -7.83
C ARG A 148 -7.71 -18.52 -7.08
N ALA A 149 -6.52 -19.09 -7.19
CA ALA A 149 -6.15 -20.32 -6.49
C ALA A 149 -6.37 -20.23 -4.97
N PHE A 150 -5.55 -19.44 -4.29
CA PHE A 150 -5.65 -19.29 -2.84
C PHE A 150 -7.09 -19.17 -2.38
N VAL A 151 -7.81 -18.20 -2.94
CA VAL A 151 -9.20 -17.92 -2.58
C VAL A 151 -10.11 -19.11 -2.86
N ARG A 152 -9.89 -19.81 -3.97
CA ARG A 152 -10.71 -20.95 -4.28
C ARG A 152 -10.55 -21.97 -3.17
N MET A 153 -9.30 -22.35 -2.88
CA MET A 153 -8.96 -23.25 -1.76
C MET A 153 -9.60 -22.76 -0.45
N LEU A 154 -9.45 -21.48 -0.16
CA LEU A 154 -10.16 -20.82 0.95
C LEU A 154 -11.67 -21.04 1.09
N ASN A 155 -12.38 -21.10 -0.03
CA ASN A 155 -13.82 -21.35 0.00
C ASN A 155 -14.19 -22.80 0.35
N ASN A 156 -13.34 -23.75 -0.01
CA ASN A 156 -13.47 -25.12 0.46
C ASN A 156 -13.39 -25.22 1.98
N TYR A 157 -12.60 -24.36 2.60
CA TYR A 157 -12.44 -24.37 4.06
C TYR A 157 -13.57 -23.62 4.82
N GLY A 158 -14.57 -23.13 4.07
CA GLY A 158 -15.68 -22.36 4.62
C GLY A 158 -15.46 -20.85 4.67
N SER A 159 -14.23 -20.43 4.30
CA SER A 159 -13.80 -19.05 4.42
C SER A 159 -13.76 -18.26 3.10
N ASN A 160 -13.21 -17.06 3.15
CA ASN A 160 -13.07 -16.17 2.00
C ASN A 160 -12.05 -15.11 2.35
N TYR A 161 -11.59 -14.37 1.34
CA TYR A 161 -10.64 -13.29 1.56
C TYR A 161 -11.33 -11.94 1.33
N THR A 162 -11.03 -10.94 2.17
CA THR A 162 -11.40 -9.56 1.87
C THR A 162 -10.09 -8.85 1.56
N PRO A 163 -9.99 -8.21 0.37
CA PRO A 163 -8.74 -7.65 -0.12
C PRO A 163 -8.26 -6.51 0.74
N GLN A 164 -6.95 -6.33 0.85
CA GLN A 164 -6.37 -5.21 1.62
C GLN A 164 -5.77 -4.11 0.75
N TYR A 165 -5.18 -4.49 -0.39
CA TYR A 165 -4.29 -3.59 -1.12
C TYR A 165 -4.80 -3.22 -2.47
N ILE A 166 -5.30 -4.19 -3.22
CA ILE A 166 -5.93 -3.90 -4.49
C ILE A 166 -7.31 -3.40 -4.19
N SER A 167 -7.97 -2.82 -5.19
CA SER A 167 -9.35 -2.38 -5.02
C SER A 167 -10.32 -3.58 -4.88
N LYS A 168 -11.40 -3.36 -4.14
CA LYS A 168 -12.54 -4.29 -4.09
C LYS A 168 -13.03 -4.66 -5.50
N GLU A 169 -12.97 -3.70 -6.41
CA GLU A 169 -13.45 -3.86 -7.78
C GLU A 169 -12.58 -4.72 -8.65
N GLU A 170 -11.27 -4.70 -8.41
CA GLU A 170 -10.28 -5.42 -9.20
C GLU A 170 -10.16 -6.82 -8.64
N TYR A 171 -10.32 -6.94 -7.31
CA TYR A 171 -10.39 -8.23 -6.66
C TYR A 171 -11.56 -9.01 -7.19
N GLU A 172 -12.73 -8.38 -7.22
CA GLU A 172 -13.94 -9.02 -7.76
C GLU A 172 -13.84 -9.35 -9.25
N GLU A 173 -13.26 -8.45 -10.03
CA GLU A 173 -12.95 -8.73 -11.43
C GLU A 173 -12.14 -10.03 -11.55
N ILE A 174 -11.29 -10.30 -10.55
CA ILE A 174 -10.37 -11.42 -10.62
C ILE A 174 -11.01 -12.75 -10.26
N ILE A 175 -11.57 -12.88 -9.06
CA ILE A 175 -12.16 -14.13 -8.57
C ILE A 175 -13.33 -14.63 -9.41
N SER A 176 -13.88 -13.73 -10.23
CA SER A 176 -15.02 -14.03 -11.09
C SER A 176 -14.56 -14.58 -12.42
N SER A 177 -13.78 -13.80 -13.17
CA SER A 177 -13.16 -14.30 -14.40
C SER A 177 -12.26 -15.52 -14.12
N SER A 178 -12.29 -16.50 -15.02
CA SER A 178 -11.60 -17.77 -14.78
C SER A 178 -10.10 -17.72 -15.04
N THR A 179 -9.56 -18.80 -15.64
CA THR A 179 -8.11 -18.96 -15.90
C THR A 179 -7.50 -17.96 -16.92
N GLU A 180 -6.21 -17.68 -16.79
CA GLU A 180 -5.53 -16.73 -17.70
C GLU A 180 -4.51 -17.36 -18.68
N SER B 6 -14.21 25.83 -7.39
CA SER B 6 -15.37 25.46 -8.26
C SER B 6 -14.99 25.13 -9.73
N SER B 7 -14.90 23.83 -10.01
CA SER B 7 -14.56 23.31 -11.33
C SER B 7 -15.69 22.39 -11.81
N LEU B 8 -16.22 22.72 -12.99
CA LEU B 8 -17.43 22.12 -13.60
C LEU B 8 -17.20 22.02 -15.14
N PRO B 9 -17.99 21.20 -15.89
CA PRO B 9 -19.25 20.46 -15.66
C PRO B 9 -19.03 19.01 -15.14
N LYS B 10 -19.94 18.09 -15.51
CA LYS B 10 -19.96 16.75 -14.94
C LYS B 10 -19.49 15.68 -15.90
N GLN B 11 -18.49 14.91 -15.46
CA GLN B 11 -17.75 13.97 -16.31
C GLN B 11 -18.02 12.47 -16.09
N PRO B 12 -17.38 11.60 -16.90
CA PRO B 12 -17.46 10.12 -16.81
C PRO B 12 -16.87 9.43 -15.52
N ILE B 13 -17.74 9.01 -14.59
CA ILE B 13 -17.33 8.29 -13.36
C ILE B 13 -17.53 6.77 -13.46
N SER B 14 -16.54 6.00 -12.98
CA SER B 14 -16.59 4.54 -12.98
C SER B 14 -16.67 3.96 -11.58
N GLU B 15 -16.74 2.63 -11.52
CA GLU B 15 -16.91 1.90 -10.27
C GLU B 15 -15.75 1.99 -9.31
N GLU B 16 -14.54 1.62 -9.73
CA GLU B 16 -13.37 1.85 -8.88
C GLU B 16 -13.08 3.34 -8.67
N GLU B 17 -13.30 4.18 -9.69
CA GLU B 17 -13.32 5.65 -9.47
C GLU B 17 -14.23 6.02 -8.29
N LYS B 18 -15.45 5.49 -8.28
CA LYS B 18 -16.39 5.61 -7.16
C LYS B 18 -15.74 5.12 -5.89
N GLU B 19 -15.29 3.87 -5.93
CA GLU B 19 -14.70 3.18 -4.79
C GLU B 19 -13.57 3.96 -4.13
N GLY B 20 -12.72 4.57 -4.96
CA GLY B 20 -11.60 5.37 -4.49
C GLY B 20 -12.05 6.54 -3.66
N LEU B 21 -12.84 7.41 -4.31
CA LEU B 21 -13.54 8.48 -3.63
C LEU B 21 -14.02 8.10 -2.21
N ILE B 22 -14.83 7.04 -2.09
CA ILE B 22 -15.29 6.55 -0.79
C ILE B 22 -14.10 6.36 0.15
N GLU B 23 -13.06 5.70 -0.35
CA GLU B 23 -11.98 5.25 0.51
C GLU B 23 -11.16 6.44 0.98
N MET B 24 -10.93 7.36 0.05
CA MET B 24 -10.16 8.54 0.31
C MET B 24 -10.87 9.49 1.26
N ARG B 25 -12.19 9.54 1.16
CA ARG B 25 -13.00 10.34 2.09
C ARG B 25 -12.73 9.86 3.50
N GLU B 26 -12.75 8.54 3.69
CA GLU B 26 -12.44 8.02 5.01
C GLU B 26 -10.95 7.97 5.32
N GLU B 27 -10.10 7.94 4.30
CA GLU B 27 -8.68 7.94 4.57
C GLU B 27 -8.27 9.22 5.28
N GLU B 28 -8.72 10.37 4.76
CA GLU B 28 -8.37 11.71 5.30
C GLU B 28 -8.95 11.94 6.70
N LYS B 29 -10.05 11.26 6.97
CA LYS B 29 -10.65 11.34 8.28
C LYS B 29 -9.80 10.59 9.30
N LEU B 30 -9.28 9.43 8.91
CA LEU B 30 -8.32 8.72 9.75
C LEU B 30 -7.21 9.68 10.20
N ALA B 31 -6.51 10.23 9.22
CA ALA B 31 -5.49 11.22 9.46
C ALA B 31 -5.98 12.26 10.47
N ARG B 32 -7.13 12.85 10.19
CA ARG B 32 -7.64 13.89 11.06
C ARG B 32 -7.89 13.38 12.49
N ASP B 33 -8.63 12.28 12.63
CA ASP B 33 -8.97 11.73 13.95
C ASP B 33 -7.73 11.32 14.73
N VAL B 34 -6.73 10.80 14.01
CA VAL B 34 -5.46 10.51 14.66
C VAL B 34 -4.80 11.79 15.18
N TYR B 35 -4.54 12.75 14.29
CA TYR B 35 -3.85 13.94 14.72
C TYR B 35 -4.57 14.57 15.93
N LEU B 36 -5.88 14.76 15.80
CA LEU B 36 -6.71 15.24 16.90
C LEU B 36 -6.51 14.51 18.23
N THR B 37 -6.59 13.18 18.21
CA THR B 37 -6.26 12.37 19.40
C THR B 37 -4.92 12.74 20.01
N LEU B 38 -3.90 12.78 19.16
CA LEU B 38 -2.53 12.85 19.61
C LEU B 38 -2.18 14.22 20.15
N TYR B 39 -2.85 15.23 19.63
CA TYR B 39 -2.76 16.54 20.17
C TYR B 39 -3.33 16.50 21.57
N ASN B 40 -4.49 15.88 21.74
CA ASN B 40 -5.08 15.77 23.09
C ASN B 40 -4.11 15.13 24.07
N LYS B 41 -3.34 14.14 23.57
CA LYS B 41 -2.36 13.43 24.38
C LYS B 41 -1.10 14.24 24.68
N TRP B 42 -0.50 14.81 23.65
CA TRP B 42 0.84 15.42 23.72
C TRP B 42 0.87 16.93 23.61
N LYS B 43 -0.14 17.52 22.98
CA LYS B 43 -0.27 18.98 22.89
C LYS B 43 0.74 19.64 21.94
N LEU B 44 1.22 18.87 20.96
CA LEU B 44 2.17 19.37 19.96
C LEU B 44 1.41 20.10 18.87
N GLN B 45 1.76 21.37 18.67
CA GLN B 45 1.03 22.31 17.79
C GLN B 45 0.77 21.76 16.41
N ILE B 46 1.77 21.07 15.89
CA ILE B 46 1.71 20.42 14.60
C ILE B 46 0.45 19.55 14.40
N PHE B 47 0.07 18.83 15.44
CA PHE B 47 -1.11 17.99 15.38
C PHE B 47 -2.38 18.79 15.24
N LYS B 48 -2.46 19.90 15.97
CA LYS B 48 -3.53 20.85 15.75
C LYS B 48 -3.49 21.26 14.29
N ASN B 49 -2.40 21.90 13.87
CA ASN B 49 -2.36 22.54 12.56
C ASN B 49 -2.71 21.58 11.42
N ILE B 50 -2.23 20.35 11.51
CA ILE B 50 -2.43 19.41 10.42
C ILE B 50 -3.82 18.74 10.49
N ALA B 51 -4.39 18.64 11.67
CA ALA B 51 -5.77 18.18 11.79
C ALA B 51 -6.71 19.17 11.07
N GLU B 52 -6.41 20.45 11.18
CA GLU B 52 -7.17 21.52 10.56
C GLU B 52 -7.03 21.43 9.06
N SER B 53 -5.88 20.97 8.60
CA SER B 53 -5.67 20.82 7.18
C SER B 53 -6.38 19.58 6.69
N GLU B 54 -6.22 18.49 7.44
CA GLU B 54 -6.88 17.23 7.09
C GLU B 54 -8.41 17.36 7.10
N GLN B 55 -8.94 18.32 7.86
CA GLN B 55 -10.37 18.66 7.78
C GLN B 55 -10.66 19.21 6.40
N THR B 56 -9.95 20.28 6.03
CA THR B 56 -9.96 20.77 4.65
C THR B 56 -10.00 19.61 3.66
N HIS B 57 -8.96 18.78 3.68
CA HIS B 57 -8.91 17.62 2.79
C HIS B 57 -10.21 16.77 2.85
N MET B 58 -10.77 16.62 4.05
CA MET B 58 -12.06 15.94 4.21
C MET B 58 -13.10 16.62 3.34
N ASP B 59 -13.29 17.92 3.58
CA ASP B 59 -14.30 18.76 2.91
C ASP B 59 -14.17 18.67 1.37
N ALA B 60 -12.95 18.85 0.87
CA ALA B 60 -12.66 18.84 -0.56
C ALA B 60 -13.20 17.59 -1.26
N VAL B 61 -13.13 16.47 -0.57
CA VAL B 61 -13.53 15.19 -1.17
C VAL B 61 -15.04 15.10 -1.10
N LYS B 62 -15.59 15.52 0.04
CA LYS B 62 -17.03 15.67 0.19
C LYS B 62 -17.61 16.40 -1.01
N TYR B 63 -16.95 17.49 -1.44
CA TYR B 63 -17.33 18.26 -2.66
C TYR B 63 -17.61 17.39 -3.90
N LEU B 64 -16.85 16.29 -4.04
CA LEU B 64 -16.95 15.39 -5.21
C LEU B 64 -17.99 14.30 -5.04
N LEU B 65 -18.25 13.93 -3.80
CA LEU B 65 -19.27 12.96 -3.52
C LEU B 65 -20.59 13.65 -3.78
N GLU B 66 -20.65 14.94 -3.48
CA GLU B 66 -21.83 15.73 -3.73
C GLU B 66 -22.01 15.92 -5.22
N LYS B 67 -20.94 16.38 -5.87
CA LYS B 67 -20.98 16.71 -7.29
C LYS B 67 -21.39 15.52 -8.14
N TYR B 68 -21.03 14.31 -7.72
CA TYR B 68 -21.25 13.12 -8.54
C TYR B 68 -22.28 12.23 -7.92
N ASN B 69 -22.83 12.67 -6.79
CA ASN B 69 -23.89 11.94 -6.10
C ASN B 69 -23.50 10.50 -5.79
N ILE B 70 -22.89 10.30 -4.64
CA ILE B 70 -22.44 9.00 -4.17
C ILE B 70 -22.67 8.95 -2.66
N PRO B 71 -23.39 7.93 -2.16
CA PRO B 71 -23.69 7.90 -0.73
C PRO B 71 -22.42 7.97 0.09
N ASP B 72 -22.28 9.09 0.82
CA ASP B 72 -21.15 9.38 1.71
C ASP B 72 -20.94 8.32 2.83
N PRO B 73 -19.68 7.87 3.05
CA PRO B 73 -19.42 6.86 4.07
C PRO B 73 -19.33 7.39 5.49
N VAL B 74 -18.95 8.66 5.65
CA VAL B 74 -18.88 9.29 6.99
C VAL B 74 -20.29 9.64 7.49
N LYS B 75 -21.03 8.63 7.88
CA LYS B 75 -22.34 8.82 8.49
C LYS B 75 -22.14 9.47 9.87
N ASN B 76 -21.45 8.77 10.77
CA ASN B 76 -21.10 9.31 12.10
C ASN B 76 -19.77 10.08 12.08
N ASP B 77 -19.81 11.40 12.32
CA ASP B 77 -18.60 12.22 12.28
C ASP B 77 -17.57 11.95 13.39
N SER B 78 -18.04 11.42 14.53
CA SER B 78 -17.21 11.28 15.73
C SER B 78 -15.82 10.76 15.46
N ILE B 79 -14.94 11.13 16.39
CA ILE B 79 -13.57 10.71 16.35
C ILE B 79 -13.52 9.19 16.41
N GLY B 80 -12.74 8.60 15.50
CA GLY B 80 -12.41 7.19 15.58
C GLY B 80 -13.48 6.23 15.10
N VAL B 81 -14.51 6.78 14.46
CA VAL B 81 -15.62 5.99 13.95
C VAL B 81 -15.58 5.92 12.41
N PHE B 82 -15.68 4.70 11.86
CA PHE B 82 -15.53 4.48 10.41
C PHE B 82 -16.41 3.35 9.87
N SER B 83 -17.01 3.57 8.71
CA SER B 83 -17.63 2.50 7.93
C SER B 83 -16.62 1.38 7.77
N ASN B 84 -15.76 1.53 6.77
CA ASN B 84 -14.77 0.54 6.41
C ASN B 84 -13.83 0.19 7.59
N PRO B 85 -13.95 -1.05 8.12
CA PRO B 85 -13.23 -1.46 9.33
C PRO B 85 -11.71 -1.38 9.16
N LYS B 86 -11.26 -1.46 7.92
CA LYS B 86 -9.89 -1.22 7.55
C LYS B 86 -9.37 -0.01 8.31
N PHE B 87 -10.27 0.92 8.57
CA PHE B 87 -9.88 2.17 9.19
C PHE B 87 -10.04 2.20 10.68
N GLU B 88 -11.09 1.56 11.18
CA GLU B 88 -11.26 1.41 12.63
C GLU B 88 -9.97 0.79 13.13
N GLU B 89 -9.51 -0.22 12.39
CA GLU B 89 -8.34 -0.98 12.75
C GLU B 89 -7.18 -0.07 12.62
N LEU B 90 -7.01 0.46 11.42
CA LEU B 90 -5.85 1.27 11.17
C LEU B 90 -5.76 2.37 12.22
N TYR B 91 -6.90 2.93 12.60
CA TYR B 91 -6.92 4.00 13.59
C TYR B 91 -6.40 3.54 14.95
N LYS B 92 -6.86 2.39 15.38
CA LYS B 92 -6.52 1.89 16.70
C LYS B 92 -5.02 1.56 16.79
N LYS B 93 -4.52 0.79 15.83
CA LYS B 93 -3.11 0.42 15.79
C LYS B 93 -2.24 1.69 15.84
N LEU B 94 -2.73 2.77 15.24
CA LEU B 94 -1.95 3.99 15.14
C LEU B 94 -1.92 4.75 16.42
N VAL B 95 -3.08 5.06 16.97
CA VAL B 95 -3.12 5.69 18.28
C VAL B 95 -2.35 4.79 19.26
N GLU B 96 -2.39 3.47 19.01
CA GLU B 96 -1.71 2.51 19.87
C GLU B 96 -0.24 2.82 19.95
N LYS B 97 0.41 2.91 18.79
CA LYS B 97 1.81 3.29 18.68
C LYS B 97 2.05 4.71 19.25
N GLY B 98 1.36 5.70 18.69
CA GLY B 98 1.66 7.10 18.96
C GLY B 98 1.41 7.56 20.38
N ASP B 99 0.69 6.76 21.16
CA ASP B 99 0.36 7.13 22.53
C ASP B 99 1.50 6.75 23.45
N LYS B 100 2.59 6.26 22.85
CA LYS B 100 3.73 5.76 23.61
C LYS B 100 4.83 6.81 23.86
N SER B 101 5.19 7.58 22.83
CA SER B 101 6.11 8.69 23.00
C SER B 101 5.82 9.83 22.06
N GLU B 102 6.24 11.03 22.43
CA GLU B 102 6.38 12.14 21.49
C GLU B 102 7.03 11.69 20.17
N VAL B 103 8.22 11.11 20.23
CA VAL B 103 8.85 10.63 19.01
C VAL B 103 7.90 9.69 18.24
N ASP B 104 7.11 8.89 18.97
CA ASP B 104 6.17 7.97 18.34
C ASP B 104 5.03 8.68 17.63
N ALA B 105 4.26 9.45 18.39
CA ALA B 105 3.30 10.41 17.84
C ALA B 105 3.79 10.94 16.52
N LEU B 106 4.98 11.51 16.54
CA LEU B 106 5.63 12.06 15.35
C LEU B 106 5.82 11.04 14.21
N LYS B 107 6.31 9.84 14.55
CA LYS B 107 6.50 8.78 13.55
C LYS B 107 5.17 8.34 12.93
N VAL B 108 4.16 8.17 13.78
CA VAL B 108 2.82 7.83 13.31
C VAL B 108 2.35 8.84 12.27
N GLY B 109 2.53 10.12 12.59
CA GLY B 109 2.17 11.19 11.67
C GLY B 109 2.78 10.91 10.32
N ALA B 110 4.11 10.97 10.26
CA ALA B 110 4.86 10.67 9.06
C ALA B 110 4.25 9.51 8.31
N THR B 111 3.86 8.49 9.06
CA THR B 111 3.42 7.22 8.50
C THR B 111 2.07 7.30 7.81
N ILE B 112 1.18 8.15 8.33
CA ILE B 112 -0.13 8.33 7.75
C ILE B 112 0.02 9.01 6.38
N GLU B 113 0.96 9.96 6.36
CA GLU B 113 1.25 10.73 5.19
C GLU B 113 1.99 9.90 4.12
N ASP B 114 2.78 8.95 4.60
CA ASP B 114 3.49 7.99 3.74
C ASP B 114 2.45 7.15 2.99
N LEU B 115 1.55 6.57 3.77
CA LEU B 115 0.43 5.83 3.26
C LEU B 115 -0.50 6.75 2.49
N ASP B 116 -0.50 8.03 2.81
CA ASP B 116 -1.45 8.88 2.13
C ASP B 116 -1.02 9.18 0.70
N ILE B 117 0.22 9.65 0.51
CA ILE B 117 0.75 9.82 -0.84
C ILE B 117 0.73 8.51 -1.68
N ALA B 118 0.86 7.36 -1.03
CA ALA B 118 0.91 6.08 -1.72
C ALA B 118 -0.44 5.78 -2.36
N ASP B 119 -1.49 5.93 -1.56
CA ASP B 119 -2.81 5.57 -2.00
C ASP B 119 -3.33 6.63 -2.97
N LEU B 120 -2.97 7.87 -2.71
CA LEU B 120 -3.22 8.93 -3.67
C LEU B 120 -2.65 8.56 -5.02
N GLU B 121 -1.37 8.17 -5.08
CA GLU B 121 -0.76 7.81 -6.36
C GLU B 121 -1.51 6.61 -6.91
N LYS B 122 -1.67 5.58 -6.06
CA LYS B 122 -2.44 4.38 -6.39
C LYS B 122 -3.75 4.74 -7.07
N TRP B 123 -4.51 5.66 -6.46
CA TRP B 123 -5.82 6.08 -6.98
C TRP B 123 -5.82 6.98 -8.23
N ILE B 124 -4.91 7.95 -8.26
CA ILE B 124 -4.73 8.79 -9.42
C ILE B 124 -4.50 7.90 -10.64
N ASN B 125 -3.57 6.96 -10.50
CA ASN B 125 -3.22 6.02 -11.57
C ASN B 125 -4.38 5.21 -12.11
N LYS B 126 -5.37 4.97 -11.26
CA LYS B 126 -6.56 4.26 -11.65
C LYS B 126 -7.68 5.14 -12.22
N THR B 127 -7.35 6.32 -12.79
CA THR B 127 -8.39 7.21 -13.36
C THR B 127 -8.02 8.27 -14.41
N ASP B 128 -8.97 8.54 -15.31
CA ASP B 128 -8.89 9.74 -16.16
C ASP B 128 -10.09 10.68 -16.05
N ASN B 129 -10.80 10.66 -14.92
CA ASN B 129 -11.77 11.73 -14.65
C ASN B 129 -11.02 12.99 -14.27
N GLU B 130 -10.95 13.96 -15.18
CA GLU B 130 -10.12 15.15 -14.95
C GLU B 130 -10.43 15.98 -13.66
N ASP B 131 -11.64 15.87 -13.12
CA ASP B 131 -12.02 16.49 -11.83
C ASP B 131 -11.35 15.80 -10.63
N ILE B 132 -11.68 14.52 -10.46
CA ILE B 132 -11.06 13.65 -9.47
C ILE B 132 -9.57 13.88 -9.47
N LYS B 133 -8.94 13.67 -10.64
CA LYS B 133 -7.49 13.82 -10.82
C LYS B 133 -6.95 15.08 -10.16
N PHE B 134 -7.61 16.21 -10.43
CA PHE B 134 -7.23 17.50 -9.84
C PHE B 134 -7.33 17.57 -8.31
N VAL B 135 -8.39 17.01 -7.72
CA VAL B 135 -8.49 16.95 -6.26
C VAL B 135 -7.35 16.10 -5.64
N TYR B 136 -7.18 14.88 -6.14
CA TYR B 136 -6.11 14.03 -5.67
C TYR B 136 -4.74 14.70 -5.74
N GLU B 137 -4.46 15.36 -6.86
CA GLU B 137 -3.14 15.97 -7.09
C GLU B 137 -2.87 16.98 -6.01
N ASN B 138 -3.88 17.82 -5.74
CA ASN B 138 -3.80 18.79 -4.65
C ASN B 138 -3.73 18.17 -3.26
N LEU B 139 -4.35 17.00 -3.13
CA LEU B 139 -4.28 16.26 -1.89
C LEU B 139 -2.85 15.76 -1.67
N MET B 140 -2.23 15.22 -2.72
CA MET B 140 -0.81 14.90 -2.65
C MET B 140 -0.05 16.17 -2.19
N LYS B 141 -0.27 17.27 -2.89
CA LYS B 141 0.38 18.53 -2.59
C LYS B 141 0.35 18.81 -1.08
N GLY B 142 -0.86 18.89 -0.51
CA GLY B 142 -1.04 19.09 0.94
C GLY B 142 -0.33 18.05 1.78
N SER B 143 -0.38 16.79 1.34
CA SER B 143 0.23 15.68 2.08
C SER B 143 1.75 15.72 2.09
N ARG B 144 2.34 16.12 0.97
CA ARG B 144 3.78 16.24 0.89
C ARG B 144 4.31 17.23 1.93
N ASN B 145 3.59 18.33 2.12
CA ASN B 145 3.88 19.32 3.14
C ASN B 145 3.82 18.79 4.55
N HIS B 146 2.89 17.88 4.80
CA HIS B 146 2.78 17.26 6.10
C HIS B 146 4.00 16.39 6.42
N MET B 147 4.38 15.56 5.44
CA MET B 147 5.62 14.82 5.51
C MET B 147 6.78 15.71 6.00
N ARG B 148 7.04 16.79 5.26
CA ARG B 148 8.13 17.67 5.61
C ARG B 148 7.93 18.24 7.00
N ALA B 149 6.71 18.64 7.30
CA ALA B 149 6.41 19.16 8.61
C ALA B 149 6.81 18.15 9.71
N PHE B 150 6.44 16.88 9.50
CA PHE B 150 6.72 15.86 10.49
C PHE B 150 8.19 15.53 10.50
N VAL B 151 8.79 15.41 9.31
CA VAL B 151 10.20 15.10 9.25
C VAL B 151 11.00 16.19 9.96
N ARG B 152 10.69 17.46 9.71
CA ARG B 152 11.46 18.54 10.32
C ARG B 152 11.35 18.46 11.83
N MET B 153 10.14 18.21 12.29
CA MET B 153 9.86 17.99 13.70
C MET B 153 10.61 16.78 14.26
N LEU B 154 10.75 15.74 13.45
CA LEU B 154 11.48 14.52 13.86
C LEU B 154 12.94 14.80 14.09
N ASN B 155 13.54 15.52 13.13
CA ASN B 155 14.91 16.00 13.26
C ASN B 155 15.14 16.77 14.56
N ASN B 156 14.20 17.64 14.92
CA ASN B 156 14.22 18.33 16.19
C ASN B 156 14.27 17.41 17.41
N TYR B 157 13.86 16.14 17.24
CA TYR B 157 13.96 15.16 18.31
C TYR B 157 15.07 14.13 18.00
N GLY B 158 16.04 14.56 17.19
CA GLY B 158 17.17 13.71 16.79
C GLY B 158 16.77 12.34 16.26
N SER B 159 15.72 12.32 15.42
CA SER B 159 15.26 11.11 14.75
C SER B 159 15.03 11.38 13.26
N ASN B 160 14.75 10.33 12.51
CA ASN B 160 14.48 10.44 11.06
C ASN B 160 13.29 9.56 10.67
N TYR B 161 13.16 9.24 9.38
CA TYR B 161 12.11 8.32 8.92
C TYR B 161 12.49 7.62 7.62
N THR B 162 12.09 6.36 7.46
CA THR B 162 12.20 5.75 6.14
C THR B 162 10.85 5.39 5.58
N PRO B 163 10.59 5.80 4.34
CA PRO B 163 9.41 5.46 3.58
C PRO B 163 9.10 3.97 3.67
N GLN B 164 7.81 3.60 3.60
CA GLN B 164 7.40 2.21 3.67
C GLN B 164 6.53 1.92 2.49
N TYR B 165 5.89 2.97 1.97
CA TYR B 165 4.87 2.84 0.95
C TYR B 165 5.22 3.61 -0.29
N ILE B 166 5.79 4.80 -0.10
CA ILE B 166 6.33 5.55 -1.25
C ILE B 166 7.78 5.13 -1.50
N SER B 167 8.33 5.45 -2.67
CA SER B 167 9.71 5.05 -2.96
C SER B 167 10.67 5.69 -1.97
N LYS B 168 11.89 5.16 -1.85
CA LYS B 168 12.96 5.92 -1.21
C LYS B 168 13.21 7.09 -2.13
N GLU B 169 13.35 6.75 -3.42
CA GLU B 169 13.73 7.74 -4.43
C GLU B 169 12.85 8.98 -4.44
N GLU B 170 11.58 8.81 -4.08
CA GLU B 170 10.62 9.94 -4.06
C GLU B 170 10.65 10.70 -2.74
N TYR B 171 10.61 9.96 -1.63
CA TYR B 171 10.81 10.50 -0.27
C TYR B 171 11.92 11.55 -0.20
N GLU B 172 13.10 11.21 -0.74
CA GLU B 172 14.29 12.08 -0.76
C GLU B 172 14.01 13.38 -1.53
N GLU B 173 13.46 13.24 -2.73
CA GLU B 173 13.11 14.37 -3.55
C GLU B 173 12.04 15.25 -2.90
N ILE B 174 11.16 14.63 -2.09
CA ILE B 174 10.16 15.37 -1.30
C ILE B 174 10.80 16.25 -0.23
N ILE B 175 11.72 15.67 0.54
CA ILE B 175 12.28 16.39 1.68
C ILE B 175 13.32 17.45 1.28
N SER B 176 14.07 17.18 0.22
CA SER B 176 15.12 18.11 -0.18
C SER B 176 14.57 19.16 -1.14
N SER B 177 13.38 19.66 -0.82
CA SER B 177 12.74 20.74 -1.56
C SER B 177 11.85 21.49 -0.56
N SER B 178 11.39 22.69 -0.90
CA SER B 178 10.68 23.52 0.10
C SER B 178 9.16 23.54 -0.09
N THR B 179 8.46 24.24 0.80
CA THR B 179 6.99 24.27 0.89
C THR B 179 6.23 24.82 -0.34
N GLU B 180 5.26 24.03 -0.82
CA GLU B 180 4.57 24.28 -2.09
C GLU B 180 3.45 25.30 -1.96
#